data_4FFM
#
_entry.id   4FFM
#
_cell.length_a   61.920
_cell.length_b   61.920
_cell.length_c   172.700
_cell.angle_alpha   90.00
_cell.angle_beta   90.00
_cell.angle_gamma   90.00
#
_symmetry.space_group_name_H-M   'P 43 21 2'
#
loop_
_entity.id
_entity.type
_entity.pdbx_description
1 polymer PylC
2 non-polymer N~6~-D-ornithyl-L-lysine
3 non-polymer "ADENOSINE-5'-DIPHOSPHATE"
4 non-polymer 'MAGNESIUM ION'
5 non-polymer "ADENOSINE-5'-TRIPHOSPHATE"
6 water water
#
_entity_poly.entity_id   1
_entity_poly.type   'polypeptide(L)'
_entity_poly.pdbx_seq_one_letter_code
;MKTICLVGGKLQGFEAAYLSKKAGMKVVLVDKNPQALIRNYADEFYCFDVIKEPEKLLELSKRVDAVLPVNENLACIEFL
NSIKEKFSCPVLFDFEAYRISRDKKKSKDYFKSIGVPTPQDRPSKPPYFVKPPCESSSVGARIIYDDKDLEGLEPDTLVE
EYVEGEVVSLEVVGDGSHFAVVKETLVHIDETYDCHMVTPLPANPLFRQISHDLAANLPLKGIMDVEAIFGPKGLRVIEI
DARFPSQTPTVVYYSSGINLIELLFRAFTDGVEEIRAIPENKYCIYEHLMFGENGVLIPVGEQVLSMGSDYGKFYEEPGI
EIFLCKGEYPVFTMVFWGKDREETGAKRCKGLSVLKERFGAVL
;
_entity_poly.pdbx_strand_id   A
#
# COMPACT_ATOMS: atom_id res chain seq x y z
N MET A 1 22.93 -2.18 -12.31
CA MET A 1 21.55 -2.65 -12.00
C MET A 1 21.48 -3.25 -10.59
N LYS A 2 20.46 -2.86 -9.85
CA LYS A 2 20.22 -3.41 -8.51
C LYS A 2 19.17 -4.55 -8.53
N THR A 3 19.18 -5.39 -7.50
CA THR A 3 18.25 -6.50 -7.39
C THR A 3 17.62 -6.42 -6.00
N ILE A 4 16.29 -6.55 -5.93
CA ILE A 4 15.54 -6.51 -4.67
C ILE A 4 14.91 -7.89 -4.44
N CYS A 5 14.93 -8.37 -3.19
CA CYS A 5 14.23 -9.60 -2.81
C CYS A 5 12.98 -9.22 -1.98
N LEU A 6 11.82 -9.64 -2.47
CA LEU A 6 10.54 -9.43 -1.80
C LEU A 6 10.14 -10.69 -1.03
N VAL A 7 9.84 -10.57 0.26
CA VAL A 7 9.26 -11.70 1.02
C VAL A 7 7.73 -11.48 1.11
N GLY A 8 7.00 -12.12 0.20
CA GLY A 8 5.55 -11.95 0.08
C GLY A 8 5.15 -11.54 -1.32
N GLY A 9 4.29 -12.34 -1.96
CA GLY A 9 3.88 -12.11 -3.35
C GLY A 9 2.39 -11.94 -3.59
N LYS A 10 1.74 -11.22 -2.69
CA LYS A 10 0.34 -10.84 -2.88
C LYS A 10 0.22 -9.33 -3.22
N LEU A 11 -0.63 -8.58 -2.51
CA LEU A 11 -0.92 -7.19 -2.89
C LEU A 11 0.25 -6.23 -2.64
N GLN A 12 0.85 -6.31 -1.45
CA GLN A 12 2.02 -5.48 -1.14
C GLN A 12 3.16 -5.88 -2.07
N GLY A 13 3.33 -7.18 -2.28
CA GLY A 13 4.37 -7.70 -3.16
C GLY A 13 4.20 -7.21 -4.58
N PHE A 14 2.96 -7.17 -5.08
CA PHE A 14 2.73 -6.59 -6.40
C PHE A 14 3.17 -5.13 -6.51
N GLU A 15 2.78 -4.30 -5.54
CA GLU A 15 3.12 -2.89 -5.56
C GLU A 15 4.64 -2.67 -5.56
N ALA A 16 5.32 -3.43 -4.69
CA ALA A 16 6.77 -3.33 -4.58
C ALA A 16 7.46 -3.81 -5.86
N ALA A 17 7.00 -4.92 -6.44
CA ALA A 17 7.49 -5.39 -7.75
C ALA A 17 7.30 -4.33 -8.87
N TYR A 18 6.09 -3.78 -8.95
CA TYR A 18 5.72 -2.77 -9.96
C TYR A 18 6.68 -1.57 -9.94
N LEU A 19 6.90 -0.98 -8.77
CA LEU A 19 7.81 0.17 -8.62
C LEU A 19 9.30 -0.21 -8.76
N SER A 20 9.66 -1.42 -8.33
CA SER A 20 11.04 -1.90 -8.51
C SER A 20 11.38 -1.94 -10.00
N LYS A 21 10.47 -2.48 -10.81
CA LYS A 21 10.60 -2.48 -12.29
C LYS A 21 10.68 -1.09 -12.92
N LYS A 22 9.80 -0.18 -12.48
CA LYS A 22 9.91 1.23 -12.88
C LYS A 22 11.31 1.83 -12.59
N ALA A 23 11.94 1.41 -11.49
CA ALA A 23 13.28 1.88 -11.11
C ALA A 23 14.42 1.17 -11.84
N GLY A 24 14.08 0.17 -12.64
CA GLY A 24 15.06 -0.63 -13.38
C GLY A 24 15.73 -1.75 -12.58
N MET A 25 15.07 -2.23 -11.53
CA MET A 25 15.62 -3.29 -10.69
C MET A 25 15.07 -4.65 -11.09
N LYS A 26 15.87 -5.69 -10.84
CA LYS A 26 15.42 -7.07 -10.99
C LYS A 26 14.69 -7.47 -9.72
N VAL A 27 13.58 -8.20 -9.87
CA VAL A 27 12.72 -8.56 -8.73
C VAL A 27 12.86 -10.06 -8.44
N VAL A 28 13.34 -10.41 -7.26
CA VAL A 28 13.36 -11.80 -6.80
C VAL A 28 12.25 -11.97 -5.76
N LEU A 29 11.32 -12.90 -5.97
CA LEU A 29 10.24 -13.14 -5.02
C LEU A 29 10.46 -14.43 -4.23
N VAL A 30 10.29 -14.34 -2.91
CA VAL A 30 10.19 -15.49 -2.01
C VAL A 30 8.74 -15.54 -1.47
N ASP A 31 8.09 -16.69 -1.63
CA ASP A 31 6.76 -16.93 -1.08
C ASP A 31 6.55 -18.43 -0.83
N LYS A 32 5.91 -18.75 0.31
CA LYS A 32 5.61 -20.13 0.74
C LYS A 32 4.49 -20.80 -0.09
N ASN A 33 3.65 -19.98 -0.74
CA ASN A 33 2.55 -20.43 -1.62
C ASN A 33 3.06 -20.71 -3.05
N PRO A 34 3.05 -21.99 -3.51
CA PRO A 34 3.52 -22.27 -4.89
C PRO A 34 2.67 -21.57 -5.98
N GLN A 35 1.43 -21.20 -5.61
CA GLN A 35 0.51 -20.46 -6.47
C GLN A 35 0.49 -18.97 -6.07
N ALA A 36 1.59 -18.43 -5.53
CA ALA A 36 1.60 -17.05 -5.04
C ALA A 36 1.13 -16.12 -6.15
N LEU A 37 0.26 -15.17 -5.80
CA LEU A 37 -0.39 -14.26 -6.75
C LEU A 37 0.53 -13.68 -7.85
N ILE A 38 1.71 -13.16 -7.49
CA ILE A 38 2.62 -12.51 -8.47
C ILE A 38 3.81 -13.35 -8.91
N ARG A 39 3.71 -14.68 -8.78
CA ARG A 39 4.81 -15.59 -9.11
C ARG A 39 5.36 -15.34 -10.54
N ASN A 40 4.47 -15.03 -11.49
CA ASN A 40 4.83 -14.88 -12.91
C ASN A 40 5.27 -13.45 -13.28
N TYR A 41 5.01 -12.50 -12.38
CA TYR A 41 5.37 -11.07 -12.57
C TYR A 41 6.82 -10.81 -12.13
N ALA A 42 7.25 -11.48 -11.06
CA ALA A 42 8.62 -11.41 -10.62
C ALA A 42 9.55 -12.02 -11.68
N ASP A 43 10.82 -11.61 -11.61
CA ASP A 43 11.87 -12.09 -12.50
C ASP A 43 12.42 -13.47 -12.12
N GLU A 44 12.44 -13.75 -10.81
CA GLU A 44 12.76 -15.08 -10.25
C GLU A 44 11.78 -15.37 -9.08
N PHE A 45 11.34 -16.63 -8.99
CA PHE A 45 10.45 -17.08 -7.91
C PHE A 45 11.06 -18.28 -7.19
N TYR A 46 11.27 -18.13 -5.88
CA TYR A 46 11.72 -19.20 -4.97
C TYR A 46 10.61 -19.53 -3.99
N CYS A 47 10.08 -20.74 -4.09
CA CYS A 47 8.99 -21.18 -3.21
C CYS A 47 9.48 -21.92 -1.94
N PHE A 48 9.49 -21.18 -0.83
CA PHE A 48 9.79 -21.73 0.49
C PHE A 48 9.25 -20.82 1.59
N ASP A 49 9.10 -21.39 2.78
CA ASP A 49 8.69 -20.65 3.97
C ASP A 49 9.96 -20.20 4.70
N VAL A 50 10.13 -18.88 4.85
CA VAL A 50 11.37 -18.30 5.41
C VAL A 50 11.60 -18.72 6.87
N ILE A 51 10.49 -19.01 7.57
CA ILE A 51 10.53 -19.49 8.97
C ILE A 51 11.06 -20.93 9.06
N LYS A 52 10.64 -21.77 8.11
CA LYS A 52 11.05 -23.18 8.07
C LYS A 52 12.47 -23.35 7.49
N GLU A 53 12.84 -22.51 6.53
CA GLU A 53 14.14 -22.64 5.87
C GLU A 53 14.87 -21.31 5.77
N PRO A 54 15.25 -20.71 6.93
CA PRO A 54 15.93 -19.39 6.97
C PRO A 54 17.24 -19.32 6.17
N GLU A 55 18.02 -20.41 6.19
CA GLU A 55 19.31 -20.45 5.48
C GLU A 55 19.17 -20.10 3.98
N LYS A 56 18.07 -20.52 3.36
CA LYS A 56 17.81 -20.20 1.96
C LYS A 56 17.64 -18.69 1.75
N LEU A 57 16.99 -17.99 2.68
CA LEU A 57 16.83 -16.54 2.58
C LEU A 57 18.14 -15.79 2.86
N LEU A 58 18.88 -16.27 3.87
CA LEU A 58 20.21 -15.75 4.20
C LEU A 58 21.17 -15.88 3.01
N GLU A 59 21.14 -17.02 2.32
CA GLU A 59 21.94 -17.21 1.11
C GLU A 59 21.55 -16.23 -0.01
N LEU A 60 20.25 -16.02 -0.22
CA LEU A 60 19.75 -14.98 -1.14
C LEU A 60 20.26 -13.58 -0.81
N SER A 61 20.35 -13.26 0.49
CA SER A 61 20.81 -11.95 0.94
C SER A 61 22.23 -11.65 0.45
N LYS A 62 23.01 -12.69 0.19
CA LYS A 62 24.37 -12.52 -0.31
C LYS A 62 24.40 -12.09 -1.77
N ARG A 63 23.27 -12.27 -2.47
CA ARG A 63 23.25 -11.98 -3.91
C ARG A 63 22.20 -10.98 -4.40
N VAL A 64 21.60 -10.23 -3.47
CA VAL A 64 20.68 -9.15 -3.79
C VAL A 64 21.11 -7.90 -3.03
N ASP A 65 20.62 -6.73 -3.44
CA ASP A 65 20.97 -5.47 -2.80
C ASP A 65 20.15 -5.10 -1.56
N ALA A 66 18.93 -5.65 -1.46
CA ALA A 66 18.08 -5.43 -0.29
C ALA A 66 17.01 -6.51 -0.17
N VAL A 67 16.53 -6.73 1.06
CA VAL A 67 15.42 -7.66 1.32
C VAL A 67 14.29 -6.82 1.89
N LEU A 68 13.14 -6.85 1.21
CA LEU A 68 11.97 -6.10 1.63
C LEU A 68 10.86 -7.06 2.07
N PRO A 69 10.52 -7.06 3.37
CA PRO A 69 9.34 -7.80 3.81
C PRO A 69 8.05 -7.14 3.28
N VAL A 70 7.25 -7.89 2.54
CA VAL A 70 5.97 -7.37 2.06
C VAL A 70 4.85 -8.38 2.37
N ASN A 71 4.64 -8.57 3.66
CA ASN A 71 3.55 -9.39 4.21
C ASN A 71 3.26 -8.92 5.63
N GLU A 72 2.10 -9.31 6.13
CA GLU A 72 1.63 -8.94 7.45
C GLU A 72 1.33 -10.22 8.23
N ASN A 73 2.11 -11.27 7.96
CA ASN A 73 2.09 -12.48 8.80
C ASN A 73 2.98 -12.21 10.02
N LEU A 74 2.37 -12.05 11.20
CA LEU A 74 3.12 -11.65 12.39
C LEU A 74 4.22 -12.66 12.72
N ALA A 75 3.93 -13.96 12.58
CA ALA A 75 4.96 -14.99 12.77
C ALA A 75 6.20 -14.78 11.86
N CYS A 76 5.95 -14.44 10.59
CA CYS A 76 7.04 -14.14 9.64
C CYS A 76 7.83 -12.89 10.05
N ILE A 77 7.14 -11.77 10.27
CA ILE A 77 7.80 -10.52 10.67
C ILE A 77 8.62 -10.67 11.96
N GLU A 78 8.03 -11.31 12.98
CA GLU A 78 8.75 -11.49 14.26
C GLU A 78 9.95 -12.43 14.13
N PHE A 79 9.83 -13.47 13.31
CA PHE A 79 10.99 -14.34 13.00
C PHE A 79 12.10 -13.60 12.24
N LEU A 80 11.74 -12.87 11.18
CA LEU A 80 12.72 -12.02 10.45
C LEU A 80 13.46 -11.04 11.38
N ASN A 81 12.74 -10.46 12.34
CA ASN A 81 13.35 -9.58 13.35
C ASN A 81 14.45 -10.30 14.13
N SER A 82 14.16 -11.55 14.53
CA SER A 82 15.07 -12.37 15.35
C SER A 82 16.38 -12.78 14.66
N ILE A 83 16.41 -12.73 13.32
CA ILE A 83 17.60 -13.15 12.52
C ILE A 83 18.16 -12.00 11.64
N LYS A 84 17.70 -10.78 11.88
CA LYS A 84 18.00 -9.67 10.97
C LYS A 84 19.50 -9.30 10.91
N GLU A 85 20.23 -9.56 12.00
CA GLU A 85 21.68 -9.29 12.07
C GLU A 85 22.52 -10.25 11.22
N LYS A 86 21.91 -11.37 10.81
CA LYS A 86 22.58 -12.41 10.04
C LYS A 86 22.56 -12.16 8.53
N PHE A 87 21.79 -11.16 8.08
CA PHE A 87 21.62 -10.83 6.65
C PHE A 87 22.83 -10.12 6.04
N SER A 88 23.14 -10.44 4.79
CA SER A 88 24.29 -9.83 4.11
C SER A 88 23.94 -8.60 3.27
N CYS A 89 22.70 -8.09 3.40
CA CYS A 89 22.23 -6.85 2.76
C CYS A 89 21.23 -6.15 3.70
N PRO A 90 20.89 -4.86 3.45
CA PRO A 90 19.88 -4.23 4.31
C PRO A 90 18.52 -4.97 4.32
N VAL A 91 17.85 -4.97 5.48
CA VAL A 91 16.45 -5.38 5.56
C VAL A 91 15.66 -4.06 5.68
N LEU A 92 14.85 -3.76 4.64
CA LEU A 92 14.16 -2.47 4.50
C LEU A 92 12.84 -2.49 5.26
N PHE A 93 12.95 -2.43 6.58
CA PHE A 93 11.82 -2.56 7.49
C PHE A 93 12.16 -1.94 8.85
N ASP A 94 11.14 -1.40 9.51
CA ASP A 94 11.29 -0.88 10.86
C ASP A 94 10.44 -1.75 11.80
N PHE A 95 11.10 -2.68 12.48
CA PHE A 95 10.38 -3.64 13.30
C PHE A 95 9.69 -3.05 14.52
N GLU A 96 10.29 -2.05 15.15
CA GLU A 96 9.65 -1.40 16.27
C GLU A 96 8.44 -0.59 15.82
N ALA A 97 8.52 0.07 14.67
CA ALA A 97 7.38 0.87 14.18
C ALA A 97 6.22 -0.05 13.82
N TYR A 98 6.54 -1.21 13.25
CA TYR A 98 5.51 -2.22 12.93
C TYR A 98 4.78 -2.80 14.17
N ARG A 99 5.52 -3.01 15.26
CA ARG A 99 4.94 -3.51 16.51
C ARG A 99 3.87 -2.53 17.05
N ILE A 100 4.08 -1.23 16.84
CA ILE A 100 3.10 -0.21 17.19
C ILE A 100 1.97 -0.16 16.14
N SER A 101 2.31 -0.08 14.86
CA SER A 101 1.30 0.18 13.83
C SER A 101 0.30 -0.96 13.64
N ARG A 102 0.75 -2.19 13.84
CA ARG A 102 -0.11 -3.36 13.64
C ARG A 102 -1.26 -3.44 14.64
N ASP A 103 -1.08 -2.82 15.81
CA ASP A 103 -2.04 -2.96 16.88
C ASP A 103 -2.77 -1.63 16.97
N LYS A 104 -4.02 -1.61 16.53
CA LYS A 104 -4.75 -0.35 16.41
C LYS A 104 -4.90 0.42 17.74
N LYS A 105 -5.03 -0.28 18.87
CA LYS A 105 -5.16 0.35 20.19
C LYS A 105 -3.85 0.99 20.66
N LYS A 106 -2.76 0.27 20.40
CA LYS A 106 -1.39 0.74 20.70
C LYS A 106 -1.07 1.98 19.84
N SER A 107 -1.44 1.94 18.55
CA SER A 107 -1.38 3.11 17.68
C SER A 107 -2.13 4.30 18.27
N LYS A 108 -3.34 4.08 18.77
CA LYS A 108 -4.13 5.20 19.32
C LYS A 108 -3.50 5.79 20.58
N ASP A 109 -2.90 4.95 21.41
CA ASP A 109 -2.13 5.40 22.57
C ASP A 109 -0.93 6.23 22.12
N TYR A 110 -0.26 5.79 21.05
CA TYR A 110 0.85 6.54 20.49
C TYR A 110 0.37 7.92 19.98
N PHE A 111 -0.74 7.97 19.23
CA PHE A 111 -1.28 9.25 18.71
C PHE A 111 -1.54 10.28 19.84
N LYS A 112 -2.25 9.81 20.86
CA LYS A 112 -2.59 10.62 22.02
C LYS A 112 -1.31 11.12 22.71
N SER A 113 -0.29 10.26 22.82
CA SER A 113 0.96 10.62 23.50
C SER A 113 1.67 11.83 22.87
N ILE A 114 1.42 12.04 21.57
CA ILE A 114 2.01 13.20 20.88
C ILE A 114 0.98 14.27 20.44
N GLY A 115 -0.23 14.19 21.02
CA GLY A 115 -1.28 15.19 20.80
C GLY A 115 -1.96 15.15 19.44
N VAL A 116 -1.95 13.99 18.79
CA VAL A 116 -2.56 13.88 17.45
C VAL A 116 -4.05 13.50 17.53
N PRO A 117 -4.97 14.32 16.97
CA PRO A 117 -6.38 13.96 17.13
C PRO A 117 -6.75 12.64 16.42
N THR A 118 -7.57 11.83 17.10
CA THR A 118 -7.99 10.51 16.61
C THR A 118 -9.47 10.28 17.03
N PRO A 119 -10.21 9.40 16.32
CA PRO A 119 -11.62 9.31 16.70
C PRO A 119 -11.84 8.88 18.15
N GLN A 120 -12.87 9.44 18.79
CA GLN A 120 -13.21 9.16 20.19
C GLN A 120 -13.44 7.66 20.40
N ASP A 121 -12.80 7.08 21.43
CA ASP A 121 -13.03 5.69 21.87
C ASP A 121 -14.30 5.45 22.66
N ARG A 122 -14.86 4.25 22.53
CA ARG A 122 -16.12 3.83 23.15
C ARG A 122 -17.11 5.01 23.37
N PRO A 123 -17.69 5.55 22.26
CA PRO A 123 -18.72 6.60 22.36
C PRO A 123 -20.05 6.04 22.93
N SER A 124 -20.97 6.93 23.33
CA SER A 124 -22.24 6.55 23.98
C SER A 124 -23.48 6.63 23.07
N LYS A 125 -23.35 7.30 21.93
CA LYS A 125 -24.46 7.49 21.00
C LYS A 125 -24.04 6.91 19.66
N PRO A 126 -25.00 6.33 18.90
CA PRO A 126 -24.71 5.96 17.51
C PRO A 126 -24.57 7.19 16.55
N PRO A 127 -23.86 7.01 15.39
CA PRO A 127 -23.31 5.76 14.90
C PRO A 127 -21.96 5.41 15.54
N TYR A 128 -21.65 4.12 15.60
CA TYR A 128 -20.35 3.62 16.02
C TYR A 128 -19.68 3.00 14.79
N PHE A 129 -18.36 3.05 14.75
CA PHE A 129 -17.61 2.26 13.76
C PHE A 129 -16.80 1.22 14.51
N VAL A 130 -16.91 -0.04 14.08
CA VAL A 130 -16.28 -1.16 14.77
C VAL A 130 -15.33 -1.93 13.84
N LYS A 131 -14.14 -2.25 14.36
CA LYS A 131 -13.12 -3.00 13.62
C LYS A 131 -12.35 -4.01 14.50
N ALA A 141 -14.58 -4.54 9.55
CA ALA A 141 -14.96 -3.14 9.40
C ALA A 141 -16.44 -3.02 9.09
N ARG A 142 -17.21 -2.45 10.03
CA ARG A 142 -18.65 -2.26 9.84
C ARG A 142 -19.18 -1.06 10.64
N ILE A 143 -20.23 -0.43 10.11
CA ILE A 143 -20.95 0.61 10.85
C ILE A 143 -22.04 -0.07 11.70
N ILE A 144 -22.33 0.50 12.87
CA ILE A 144 -23.36 -0.04 13.77
C ILE A 144 -24.29 1.07 14.27
N TYR A 145 -25.59 0.88 14.07
CA TYR A 145 -26.61 1.86 14.49
C TYR A 145 -27.31 1.40 15.77
N GLY A 152 -23.14 -8.42 21.12
CA GLY A 152 -21.92 -8.51 21.93
C GLY A 152 -20.73 -9.09 21.18
N LEU A 153 -19.77 -8.22 20.82
CA LEU A 153 -18.54 -8.61 20.12
C LEU A 153 -17.42 -9.01 21.10
N GLU A 154 -16.38 -9.69 20.61
CA GLU A 154 -15.18 -10.02 21.39
C GLU A 154 -14.71 -8.84 22.25
N PRO A 155 -14.27 -9.11 23.50
CA PRO A 155 -13.87 -8.01 24.41
C PRO A 155 -12.72 -7.12 23.90
N ASP A 156 -12.16 -7.48 22.74
CA ASP A 156 -10.98 -6.79 22.19
C ASP A 156 -11.27 -5.88 20.98
N THR A 157 -12.53 -5.89 20.49
CA THR A 157 -12.98 -5.07 19.35
C THR A 157 -12.80 -3.56 19.61
N LEU A 158 -12.19 -2.84 18.66
CA LEU A 158 -12.17 -1.37 18.68
C LEU A 158 -13.57 -0.84 18.35
N VAL A 159 -14.09 0.02 19.23
CA VAL A 159 -15.34 0.77 18.98
C VAL A 159 -14.96 2.27 19.04
N GLU A 160 -15.13 2.95 17.90
CA GLU A 160 -14.92 4.40 17.80
C GLU A 160 -16.16 5.13 17.30
N GLU A 161 -16.16 6.45 17.45
CA GLU A 161 -17.19 7.26 16.82
C GLU A 161 -17.02 7.15 15.31
N TYR A 162 -18.13 7.22 14.58
CA TYR A 162 -18.11 7.24 13.13
C TYR A 162 -17.78 8.66 12.70
N VAL A 163 -16.71 8.81 11.93
CA VAL A 163 -16.30 10.12 11.43
C VAL A 163 -16.60 10.17 9.92
N GLU A 164 -17.59 10.97 9.52
CA GLU A 164 -17.89 11.15 8.09
C GLU A 164 -16.82 12.01 7.43
N GLY A 165 -16.54 11.76 6.15
CA GLY A 165 -15.62 12.61 5.38
C GLY A 165 -14.61 11.83 4.55
N GLU A 166 -13.77 12.56 3.83
CA GLU A 166 -12.77 11.98 2.94
C GLU A 166 -11.67 11.21 3.68
N VAL A 167 -11.37 10.02 3.18
CA VAL A 167 -10.25 9.24 3.69
C VAL A 167 -9.01 9.58 2.88
N VAL A 168 -7.96 10.01 3.58
CA VAL A 168 -6.77 10.60 2.96
C VAL A 168 -5.51 9.89 3.46
N SER A 169 -4.62 9.57 2.52
CA SER A 169 -3.39 8.84 2.81
C SER A 169 -2.11 9.65 2.50
N LEU A 170 -1.10 9.50 3.35
CA LEU A 170 0.24 10.05 3.13
C LEU A 170 1.27 8.99 3.51
N GLU A 171 2.26 8.79 2.65
CA GLU A 171 3.43 7.97 2.99
C GLU A 171 4.54 8.87 3.50
N VAL A 172 5.31 8.34 4.44
CA VAL A 172 6.50 8.97 4.97
C VAL A 172 7.63 7.96 4.87
N VAL A 173 8.77 8.38 4.34
CA VAL A 173 9.99 7.56 4.43
C VAL A 173 11.01 8.22 5.37
N GLY A 174 11.42 7.50 6.42
CA GLY A 174 12.46 7.97 7.32
C GLY A 174 13.78 7.22 7.21
N ASP A 175 14.89 7.92 7.48
CA ASP A 175 16.20 7.27 7.62
C ASP A 175 16.68 7.19 9.08
N GLY A 176 15.77 7.45 10.01
CA GLY A 176 16.11 7.52 11.44
C GLY A 176 16.32 8.94 11.94
N SER A 177 16.71 9.85 11.03
CA SER A 177 17.04 11.27 11.33
C SER A 177 16.20 12.29 10.56
N HIS A 178 15.90 11.96 9.31
CA HIS A 178 15.16 12.86 8.40
C HIS A 178 13.94 12.13 7.93
N PHE A 179 12.83 12.85 7.82
CA PHE A 179 11.53 12.24 7.51
C PHE A 179 10.90 12.93 6.30
N ALA A 180 10.91 12.20 5.18
CA ALA A 180 10.39 12.67 3.90
C ALA A 180 8.92 12.35 3.74
N VAL A 181 8.10 13.37 3.92
CA VAL A 181 6.65 13.30 3.72
C VAL A 181 6.34 13.51 2.23
N VAL A 182 5.64 12.54 1.62
CA VAL A 182 5.59 12.49 0.15
C VAL A 182 4.34 13.18 -0.46
N LYS A 183 3.31 12.40 -0.79
CA LYS A 183 2.18 12.96 -1.56
C LYS A 183 0.82 12.49 -1.06
N GLU A 184 -0.10 13.43 -0.85
CA GLU A 184 -1.47 13.11 -0.41
C GLU A 184 -2.29 12.40 -1.47
N THR A 185 -3.03 11.36 -1.06
CA THR A 185 -3.94 10.65 -1.97
C THR A 185 -5.30 10.46 -1.31
N LEU A 186 -6.33 10.42 -2.15
CA LEU A 186 -7.69 10.16 -1.74
C LEU A 186 -8.01 8.68 -1.90
N VAL A 187 -8.42 8.07 -0.80
CA VAL A 187 -8.78 6.66 -0.74
C VAL A 187 -10.30 6.57 -0.97
N HIS A 188 -10.73 6.08 -2.15
CA HIS A 188 -12.16 5.94 -2.47
C HIS A 188 -12.66 4.62 -1.94
N ILE A 189 -13.66 4.68 -1.07
CA ILE A 189 -14.18 3.52 -0.32
C ILE A 189 -15.50 2.98 -0.90
N ASP A 190 -15.71 1.68 -0.78
CA ASP A 190 -16.95 1.09 -1.26
C ASP A 190 -17.86 0.67 -0.08
N GLU A 191 -18.96 -0.02 -0.41
CA GLU A 191 -19.97 -0.46 0.56
C GLU A 191 -19.43 -1.39 1.66
N THR A 192 -18.28 -2.03 1.39
CA THR A 192 -17.59 -2.89 2.36
C THR A 192 -16.44 -2.17 3.11
N TYR A 193 -16.25 -0.87 2.84
CA TYR A 193 -15.17 -0.03 3.41
C TYR A 193 -13.78 -0.43 2.89
N ASP A 194 -13.76 -1.10 1.75
CA ASP A 194 -12.52 -1.48 1.08
C ASP A 194 -12.23 -0.34 0.11
N CYS A 195 -11.00 -0.28 -0.42
CA CYS A 195 -10.60 0.73 -1.40
C CYS A 195 -10.62 0.20 -2.85
N HIS A 196 -11.41 0.84 -3.72
CA HIS A 196 -11.58 0.43 -5.13
C HIS A 196 -10.88 1.40 -6.08
N MET A 197 -10.53 2.59 -5.59
CA MET A 197 -9.92 3.64 -6.42
C MET A 197 -9.03 4.56 -5.57
N VAL A 198 -7.99 5.13 -6.18
CA VAL A 198 -7.11 6.14 -5.54
C VAL A 198 -6.84 7.26 -6.55
N THR A 199 -6.92 8.51 -6.09
CA THR A 199 -6.62 9.72 -6.89
C THR A 199 -5.71 10.64 -6.02
N PRO A 200 -4.94 11.56 -6.64
CA PRO A 200 -4.08 12.44 -5.85
C PRO A 200 -4.85 13.65 -5.31
N LEU A 201 -4.31 14.26 -4.26
CA LEU A 201 -4.89 15.46 -3.64
C LEU A 201 -3.84 16.58 -3.52
N PRO A 202 -4.30 17.86 -3.45
CA PRO A 202 -3.42 19.01 -3.17
C PRO A 202 -2.75 18.93 -1.79
N ALA A 203 -1.62 19.61 -1.62
CA ALA A 203 -0.89 19.59 -0.35
C ALA A 203 -1.78 20.08 0.79
N ASN A 204 -1.69 19.41 1.92
CA ASN A 204 -2.42 19.83 3.11
C ASN A 204 -1.41 20.04 4.23
N PRO A 205 -1.03 21.32 4.51
CA PRO A 205 0.03 21.57 5.50
C PRO A 205 -0.17 20.91 6.87
N LEU A 206 -1.40 20.89 7.39
CA LEU A 206 -1.70 20.25 8.68
C LEU A 206 -1.40 18.74 8.63
N PHE A 207 -1.99 18.05 7.67
CA PHE A 207 -1.78 16.59 7.54
C PHE A 207 -0.31 16.28 7.32
N ARG A 208 0.40 17.10 6.54
CA ARG A 208 1.85 16.91 6.37
C ARG A 208 2.66 17.00 7.68
N GLN A 209 2.36 18.02 8.50
CA GLN A 209 3.02 18.18 9.81
C GLN A 209 2.72 17.02 10.77
N ILE A 210 1.45 16.66 10.90
CA ILE A 210 1.03 15.50 11.70
C ILE A 210 1.80 14.25 11.25
N SER A 211 1.79 13.96 9.95
CA SER A 211 2.50 12.78 9.43
C SER A 211 3.99 12.84 9.70
N HIS A 212 4.59 14.02 9.57
CA HIS A 212 6.01 14.21 9.93
C HIS A 212 6.29 13.83 11.37
N ASP A 213 5.46 14.34 12.28
CA ASP A 213 5.60 14.15 13.72
C ASP A 213 5.38 12.67 14.11
N LEU A 214 4.42 12.00 13.47
CA LEU A 214 4.19 10.56 13.69
C LEU A 214 5.44 9.76 13.32
N ALA A 215 6.09 10.09 12.21
CA ALA A 215 7.37 9.47 11.85
C ALA A 215 8.54 9.84 12.77
N ALA A 216 8.72 11.14 13.03
CA ALA A 216 9.85 11.67 13.82
C ALA A 216 9.91 11.10 15.24
N ASN A 217 8.75 10.93 15.85
CA ASN A 217 8.70 10.49 17.25
C ASN A 217 8.90 9.00 17.44
N LEU A 218 8.92 8.22 16.37
CA LEU A 218 9.09 6.77 16.51
C LEU A 218 10.50 6.38 17.02
N PRO A 219 11.62 6.83 16.36
CA PRO A 219 11.81 7.50 15.06
C PRO A 219 11.84 6.47 13.92
N LEU A 220 11.15 6.79 12.82
CA LEU A 220 11.03 5.90 11.65
C LEU A 220 12.31 5.78 10.83
N LYS A 221 12.80 4.55 10.71
CA LYS A 221 13.78 4.19 9.69
C LYS A 221 13.12 3.11 8.82
N GLY A 222 12.56 3.55 7.71
CA GLY A 222 11.74 2.71 6.83
C GLY A 222 10.58 3.49 6.24
N ILE A 223 9.49 2.80 5.92
CA ILE A 223 8.30 3.44 5.31
C ILE A 223 7.03 3.21 6.15
N MET A 224 6.16 4.23 6.17
CA MET A 224 4.89 4.13 6.87
C MET A 224 3.82 4.91 6.12
N ASP A 225 2.59 4.44 6.14
CA ASP A 225 1.54 5.32 5.67
C ASP A 225 0.69 5.78 6.84
N VAL A 226 0.05 6.92 6.64
CA VAL A 226 -0.80 7.53 7.64
C VAL A 226 -2.14 7.72 6.95
N GLU A 227 -3.22 7.26 7.59
CA GLU A 227 -4.56 7.50 7.06
C GLU A 227 -5.34 8.37 8.04
N ALA A 228 -6.00 9.39 7.51
CA ALA A 228 -6.81 10.29 8.32
C ALA A 228 -8.14 10.52 7.62
N ILE A 229 -9.17 10.89 8.38
CA ILE A 229 -10.43 11.31 7.78
C ILE A 229 -10.54 12.81 8.02
N PHE A 230 -10.87 13.56 6.97
CA PHE A 230 -11.14 15.00 7.04
C PHE A 230 -12.60 15.19 7.47
N GLY A 231 -12.81 15.16 8.79
CA GLY A 231 -14.16 15.14 9.35
C GLY A 231 -14.78 16.51 9.54
N PRO A 232 -16.06 16.55 9.96
CA PRO A 232 -16.81 17.79 10.16
C PRO A 232 -16.23 18.67 11.28
N LYS A 233 -15.50 18.05 12.20
CA LYS A 233 -14.89 18.80 13.31
C LYS A 233 -13.36 18.81 13.21
N GLY A 234 -12.87 18.50 12.01
CA GLY A 234 -11.45 18.53 11.70
C GLY A 234 -10.82 17.18 11.38
N LEU A 235 -9.53 17.21 11.09
CA LEU A 235 -8.74 16.00 10.77
C LEU A 235 -8.58 15.02 11.94
N ARG A 236 -8.85 13.73 11.67
CA ARG A 236 -8.75 12.67 12.70
C ARG A 236 -7.91 11.51 12.14
N VAL A 237 -6.77 11.23 12.77
CA VAL A 237 -5.92 10.13 12.28
C VAL A 237 -6.56 8.81 12.72
N ILE A 238 -6.82 7.90 11.77
CA ILE A 238 -7.51 6.64 12.08
C ILE A 238 -6.56 5.45 12.21
N GLU A 239 -5.45 5.46 11.46
CA GLU A 239 -4.41 4.42 11.61
C GLU A 239 -3.06 4.80 10.97
N ILE A 240 -2.01 4.09 11.37
CA ILE A 240 -0.73 4.12 10.67
C ILE A 240 -0.44 2.67 10.31
N ASP A 241 0.37 2.44 9.29
CA ASP A 241 0.72 1.09 8.88
C ASP A 241 2.21 1.17 8.44
N ALA A 242 3.13 0.64 9.26
CA ALA A 242 4.57 0.75 8.98
C ALA A 242 5.02 -0.45 8.18
N ARG A 243 4.58 -0.48 6.92
CA ARG A 243 4.89 -1.54 5.97
C ARG A 243 4.63 -0.99 4.57
N PHE A 244 5.25 -1.56 3.53
CA PHE A 244 5.05 -1.08 2.16
C PHE A 244 3.56 -1.23 1.72
N PRO A 245 2.87 -0.11 1.39
CA PRO A 245 1.45 -0.22 1.03
C PRO A 245 1.16 -0.64 -0.41
N SER A 246 -0.09 -0.98 -0.69
CA SER A 246 -0.56 -1.18 -2.05
C SER A 246 -1.38 0.04 -2.51
N GLN A 247 -1.54 0.18 -3.84
CA GLN A 247 -2.43 1.17 -4.48
C GLN A 247 -1.88 2.58 -4.49
N THR A 248 -1.72 3.17 -3.30
CA THR A 248 -1.31 4.56 -3.21
C THR A 248 0.08 4.86 -3.83
N PRO A 249 1.07 3.94 -3.68
CA PRO A 249 2.38 4.24 -4.25
C PRO A 249 2.42 4.41 -5.76
N THR A 250 1.48 3.78 -6.47
CA THR A 250 1.37 3.93 -7.92
C THR A 250 0.88 5.35 -8.25
N VAL A 251 -0.13 5.81 -7.52
CA VAL A 251 -0.67 7.17 -7.70
C VAL A 251 0.40 8.20 -7.31
N VAL A 252 1.14 7.96 -6.21
CA VAL A 252 2.30 8.82 -5.80
C VAL A 252 3.34 8.96 -6.93
N TYR A 253 3.69 7.83 -7.56
CA TYR A 253 4.64 7.79 -8.66
C TYR A 253 4.26 8.71 -9.83
N TYR A 254 3.03 8.58 -10.34
CA TYR A 254 2.61 9.40 -11.49
C TYR A 254 2.31 10.86 -11.17
N SER A 255 1.77 11.10 -9.98
CA SER A 255 1.32 12.45 -9.64
C SER A 255 2.46 13.31 -9.10
N SER A 256 3.48 12.68 -8.51
CA SER A 256 4.58 13.43 -7.89
C SER A 256 5.97 13.15 -8.46
N GLY A 257 6.11 12.07 -9.24
CA GLY A 257 7.41 11.66 -9.79
C GLY A 257 8.33 10.91 -8.83
N ILE A 258 7.87 10.69 -7.59
CA ILE A 258 8.68 10.01 -6.57
C ILE A 258 8.32 8.53 -6.54
N ASN A 259 9.35 7.70 -6.65
CA ASN A 259 9.26 6.26 -6.58
C ASN A 259 9.58 5.80 -5.14
N LEU A 260 8.58 5.30 -4.42
CA LEU A 260 8.75 4.97 -3.01
C LEU A 260 9.71 3.81 -2.73
N ILE A 261 9.93 2.95 -3.73
CA ILE A 261 10.94 1.88 -3.61
C ILE A 261 12.36 2.47 -3.63
N GLU A 262 12.62 3.39 -4.57
CA GLU A 262 13.88 4.14 -4.65
C GLU A 262 14.12 4.95 -3.39
N LEU A 263 13.09 5.64 -2.90
CA LEU A 263 13.23 6.45 -1.70
C LEU A 263 13.53 5.58 -0.47
N LEU A 264 12.85 4.43 -0.34
CA LEU A 264 13.06 3.52 0.78
C LEU A 264 14.46 2.90 0.77
N PHE A 265 14.93 2.54 -0.43
CA PHE A 265 16.28 2.02 -0.62
C PHE A 265 17.32 3.09 -0.21
N ARG A 266 17.11 4.34 -0.62
CA ARG A 266 17.95 5.46 -0.18
C ARG A 266 17.99 5.62 1.35
N ALA A 267 16.85 5.50 2.01
CA ALA A 267 16.80 5.64 3.47
C ALA A 267 17.75 4.68 4.21
N PHE A 268 18.03 3.52 3.61
CA PHE A 268 18.94 2.51 4.21
C PHE A 268 20.37 2.52 3.65
N THR A 269 20.64 3.37 2.65
CA THR A 269 21.99 3.50 2.10
C THR A 269 22.58 4.89 2.43
N ASP A 270 22.32 5.89 1.59
CA ASP A 270 22.92 7.23 1.78
C ASP A 270 22.05 8.22 2.56
N GLY A 271 20.81 7.83 2.86
CA GLY A 271 19.86 8.70 3.58
C GLY A 271 18.88 9.47 2.72
N VAL A 272 18.01 10.22 3.39
CA VAL A 272 16.86 10.85 2.79
C VAL A 272 16.87 12.35 3.18
N GLU A 273 16.20 13.19 2.36
CA GLU A 273 16.04 14.63 2.62
C GLU A 273 14.55 14.95 2.72
N GLU A 274 14.23 15.94 3.54
CA GLU A 274 12.85 16.36 3.69
C GLU A 274 12.31 17.13 2.46
N ILE A 275 10.97 17.20 2.37
CA ILE A 275 10.08 17.63 1.21
C ILE A 275 9.90 16.68 -0.01
N GLU A 280 6.83 16.81 -9.87
CA GLU A 280 5.69 16.87 -10.78
C GLU A 280 4.42 17.35 -10.08
N ASN A 281 3.42 17.74 -10.87
CA ASN A 281 2.06 17.99 -10.41
C ASN A 281 0.99 17.44 -11.40
N LYS A 282 1.17 16.19 -11.79
CA LYS A 282 0.30 15.48 -12.72
C LYS A 282 -0.91 14.84 -12.03
N TYR A 283 -1.87 14.38 -12.80
CA TYR A 283 -3.01 13.70 -12.21
C TYR A 283 -2.91 12.20 -12.56
N CYS A 284 -3.54 11.37 -11.73
CA CYS A 284 -3.56 9.92 -11.95
C CYS A 284 -4.87 9.35 -11.40
N ILE A 285 -5.47 8.42 -12.14
CA ILE A 285 -6.61 7.62 -11.63
C ILE A 285 -6.19 6.16 -11.60
N TYR A 286 -6.37 5.52 -10.44
CA TYR A 286 -6.03 4.12 -10.21
C TYR A 286 -7.31 3.42 -9.73
N GLU A 287 -7.69 2.30 -10.34
CA GLU A 287 -8.92 1.60 -9.92
C GLU A 287 -8.94 0.11 -10.28
N HIS A 288 -9.74 -0.65 -9.51
CA HIS A 288 -10.05 -2.07 -9.77
C HIS A 288 -11.47 -2.25 -10.27
N LEU A 289 -11.62 -3.04 -11.33
CA LEU A 289 -12.89 -3.34 -11.97
C LEU A 289 -12.97 -4.83 -12.24
N MET A 290 -14.10 -5.43 -11.88
CA MET A 290 -14.36 -6.83 -12.12
C MET A 290 -15.30 -6.98 -13.32
N PHE A 291 -14.97 -7.94 -14.18
CA PHE A 291 -15.78 -8.34 -15.32
C PHE A 291 -16.71 -9.44 -14.80
N GLY A 292 -17.92 -9.05 -14.38
CA GLY A 292 -18.84 -9.96 -13.72
C GLY A 292 -19.80 -10.60 -14.71
N GLU A 293 -20.91 -11.13 -14.18
CA GLU A 293 -21.94 -11.85 -14.95
C GLU A 293 -22.23 -11.23 -16.32
N ASN A 294 -21.99 -12.02 -17.37
CA ASN A 294 -22.13 -11.57 -18.77
C ASN A 294 -21.50 -10.18 -19.05
N GLY A 295 -20.24 -10.03 -18.66
CA GLY A 295 -19.46 -8.81 -18.89
C GLY A 295 -19.96 -7.47 -18.36
N VAL A 296 -20.75 -7.49 -17.29
CA VAL A 296 -21.09 -6.25 -16.57
C VAL A 296 -19.84 -5.80 -15.80
N LEU A 297 -19.38 -4.55 -15.98
CA LEU A 297 -18.20 -4.05 -15.23
C LEU A 297 -18.59 -3.53 -13.84
N ILE A 298 -17.96 -4.08 -12.81
CA ILE A 298 -18.29 -3.78 -11.40
C ILE A 298 -17.03 -3.31 -10.66
N PRO A 299 -17.10 -2.16 -9.95
CA PRO A 299 -15.98 -1.76 -9.09
C PRO A 299 -15.78 -2.81 -7.99
N VAL A 300 -14.53 -3.12 -7.66
CA VAL A 300 -14.24 -4.00 -6.53
C VAL A 300 -13.09 -3.46 -5.69
N GLY A 301 -13.09 -3.81 -4.41
CA GLY A 301 -11.98 -3.49 -3.51
C GLY A 301 -10.83 -4.47 -3.66
N GLU A 302 -9.69 -4.09 -3.07
CA GLU A 302 -8.50 -4.93 -2.93
C GLU A 302 -8.72 -6.37 -2.50
N GLN A 303 -9.63 -6.55 -1.55
CA GLN A 303 -9.92 -7.87 -0.96
C GLN A 303 -10.32 -8.91 -2.03
N VAL A 304 -11.05 -8.44 -3.04
CA VAL A 304 -11.51 -9.29 -4.14
C VAL A 304 -10.30 -9.74 -4.99
N LEU A 305 -9.46 -8.77 -5.35
CA LEU A 305 -8.22 -9.00 -6.10
C LEU A 305 -7.27 -9.98 -5.40
N SER A 306 -7.25 -9.97 -4.06
CA SER A 306 -6.37 -10.87 -3.32
C SER A 306 -6.86 -12.33 -3.35
N MET A 307 -8.01 -12.59 -3.94
CA MET A 307 -8.48 -13.97 -4.04
C MET A 307 -8.19 -14.53 -5.42
N GLY A 308 -7.47 -13.74 -6.22
CA GLY A 308 -7.09 -14.13 -7.58
C GLY A 308 -6.00 -15.18 -7.58
N SER A 309 -5.68 -15.69 -8.76
CA SER A 309 -4.77 -16.82 -8.86
C SER A 309 -3.49 -16.45 -9.60
N ASP A 310 -3.55 -15.38 -10.41
CA ASP A 310 -2.44 -14.97 -11.28
C ASP A 310 -2.60 -13.48 -11.66
N TYR A 311 -1.54 -12.69 -11.53
CA TYR A 311 -1.61 -11.22 -11.62
C TYR A 311 -0.40 -10.69 -12.40
N GLY A 312 -0.66 -10.01 -13.52
CA GLY A 312 0.42 -9.45 -14.35
C GLY A 312 -0.07 -8.39 -15.31
N LYS A 313 0.82 -7.83 -16.13
CA LYS A 313 0.46 -6.78 -17.10
C LYS A 313 -0.42 -7.35 -18.24
N PHE A 314 -1.51 -6.64 -18.54
CA PHE A 314 -2.45 -6.96 -19.60
C PHE A 314 -2.25 -6.08 -20.82
N TYR A 315 -2.07 -4.76 -20.60
CA TYR A 315 -2.02 -3.78 -21.69
C TYR A 315 -1.27 -2.51 -21.27
N GLU A 316 -0.62 -1.85 -22.24
CA GLU A 316 -0.04 -0.52 -22.02
C GLU A 316 -0.03 0.30 -23.32
N GLU A 317 -0.40 1.58 -23.21
CA GLU A 317 -0.13 2.61 -24.23
C GLU A 317 0.23 3.90 -23.48
N PRO A 318 0.53 5.03 -24.20
CA PRO A 318 0.85 6.25 -23.44
C PRO A 318 -0.29 6.66 -22.48
N GLY A 319 0.03 6.82 -21.20
CA GLY A 319 -0.97 7.26 -20.19
C GLY A 319 -1.88 6.17 -19.63
N ILE A 320 -1.68 4.93 -20.08
CA ILE A 320 -2.57 3.80 -19.71
C ILE A 320 -1.76 2.54 -19.40
N GLU A 321 -1.93 2.03 -18.19
CA GLU A 321 -1.51 0.68 -17.86
C GLU A 321 -2.69 -0.15 -17.31
N ILE A 322 -2.82 -1.38 -17.81
CA ILE A 322 -3.86 -2.30 -17.34
C ILE A 322 -3.20 -3.60 -16.85
N PHE A 323 -3.53 -4.02 -15.63
CA PHE A 323 -3.08 -5.31 -15.12
C PHE A 323 -4.28 -6.22 -14.97
N LEU A 324 -4.08 -7.50 -15.28
CA LEU A 324 -5.17 -8.46 -15.17
C LEU A 324 -4.87 -9.38 -14.01
N CYS A 325 -5.84 -9.53 -13.10
CA CYS A 325 -5.78 -10.54 -12.04
C CYS A 325 -6.78 -11.66 -12.33
N LYS A 326 -6.28 -12.81 -12.76
CA LYS A 326 -7.08 -13.99 -13.11
C LYS A 326 -7.71 -14.70 -11.89
N GLY A 327 -8.81 -15.40 -12.11
CA GLY A 327 -9.51 -16.14 -11.05
C GLY A 327 -10.98 -16.36 -11.35
N GLU A 328 -11.77 -16.58 -10.30
CA GLU A 328 -13.24 -16.65 -10.42
C GLU A 328 -13.75 -15.24 -10.76
N TYR A 329 -13.91 -14.98 -12.05
CA TYR A 329 -14.14 -13.63 -12.60
C TYR A 329 -12.86 -12.79 -12.63
N PRO A 330 -12.46 -12.36 -13.84
CA PRO A 330 -11.25 -11.57 -14.03
C PRO A 330 -11.38 -10.19 -13.39
N VAL A 331 -10.33 -9.75 -12.70
CA VAL A 331 -10.28 -8.39 -12.14
C VAL A 331 -9.18 -7.56 -12.84
N PHE A 332 -9.54 -6.37 -13.30
CA PHE A 332 -8.58 -5.47 -13.94
C PHE A 332 -8.18 -4.31 -13.03
N THR A 333 -6.87 -4.06 -12.93
CA THR A 333 -6.33 -2.86 -12.26
C THR A 333 -5.90 -1.86 -13.34
N MET A 334 -6.53 -0.69 -13.33
CA MET A 334 -6.39 0.33 -14.37
C MET A 334 -5.63 1.49 -13.78
N VAL A 335 -4.57 1.91 -14.47
CA VAL A 335 -3.73 3.06 -14.09
C VAL A 335 -3.75 4.06 -15.26
N PHE A 336 -4.31 5.25 -15.02
CA PHE A 336 -4.35 6.33 -16.01
C PHE A 336 -3.60 7.57 -15.51
N TRP A 337 -2.84 8.23 -16.37
CA TRP A 337 -2.18 9.50 -15.98
C TRP A 337 -2.11 10.50 -17.08
N GLY A 338 -1.83 11.73 -16.71
CA GLY A 338 -1.73 12.85 -17.65
C GLY A 338 -1.43 14.15 -16.93
N LYS A 339 -1.23 15.24 -17.68
CA LYS A 339 -0.87 16.53 -17.09
C LYS A 339 -1.92 17.15 -16.13
N ASP A 340 -3.19 16.74 -16.27
CA ASP A 340 -4.28 17.26 -15.44
C ASP A 340 -5.49 16.31 -15.44
N ARG A 341 -6.50 16.63 -14.64
CA ARG A 341 -7.75 15.84 -14.53
C ARG A 341 -8.39 15.53 -15.89
N GLU A 342 -8.29 16.50 -16.80
CA GLU A 342 -8.94 16.42 -18.12
C GLU A 342 -8.28 15.38 -19.03
N GLU A 343 -6.96 15.50 -19.23
CA GLU A 343 -6.19 14.51 -20.00
C GLU A 343 -6.27 13.10 -19.37
N THR A 344 -6.23 13.00 -18.05
CA THR A 344 -6.35 11.70 -17.36
C THR A 344 -7.74 11.09 -17.54
N GLY A 345 -8.79 11.89 -17.44
CA GLY A 345 -10.15 11.45 -17.74
C GLY A 345 -10.27 10.92 -19.16
N ALA A 346 -9.58 11.58 -20.09
CA ALA A 346 -9.55 11.17 -21.50
C ALA A 346 -8.92 9.78 -21.66
N LYS A 347 -7.79 9.56 -20.98
CA LYS A 347 -7.11 8.26 -20.99
C LYS A 347 -7.96 7.16 -20.34
N ARG A 348 -8.69 7.50 -19.27
CA ARG A 348 -9.64 6.56 -18.64
C ARG A 348 -10.73 6.06 -19.59
N CYS A 349 -11.30 7.00 -20.37
CA CYS A 349 -12.28 6.69 -21.40
C CYS A 349 -11.70 5.76 -22.46
N LYS A 350 -10.47 6.05 -22.89
CA LYS A 350 -9.74 5.19 -23.85
C LYS A 350 -9.47 3.78 -23.27
N GLY A 351 -9.08 3.70 -22.00
CA GLY A 351 -8.80 2.42 -21.34
C GLY A 351 -10.04 1.54 -21.17
N LEU A 352 -11.16 2.16 -20.83
CA LEU A 352 -12.45 1.47 -20.75
C LEU A 352 -12.88 0.92 -22.11
N SER A 353 -12.69 1.72 -23.16
CA SER A 353 -13.01 1.29 -24.53
C SER A 353 -12.12 0.15 -25.03
N VAL A 354 -10.85 0.13 -24.60
CA VAL A 354 -9.97 -1.04 -24.80
C VAL A 354 -10.57 -2.33 -24.23
N LEU A 355 -11.22 -2.25 -23.07
CA LEU A 355 -11.99 -3.37 -22.51
C LEU A 355 -13.30 -3.65 -23.29
N LYS A 356 -13.97 -2.61 -23.78
CA LYS A 356 -15.24 -2.74 -24.54
C LYS A 356 -15.08 -3.43 -25.91
N GLU A 357 -14.20 -2.88 -26.75
CA GLU A 357 -13.98 -3.42 -28.09
C GLU A 357 -13.35 -4.84 -28.03
N ARG A 358 -12.42 -5.05 -27.09
CA ARG A 358 -11.77 -6.36 -26.90
C ARG A 358 -12.71 -7.44 -26.29
N PHE A 359 -13.38 -7.11 -25.18
CA PHE A 359 -14.18 -8.09 -24.39
C PHE A 359 -15.72 -7.95 -24.33
N GLY A 360 -16.31 -6.88 -24.88
CA GLY A 360 -17.77 -6.72 -24.81
C GLY A 360 -18.22 -6.31 -23.42
N ALA A 361 -17.44 -5.39 -22.83
CA ALA A 361 -17.64 -4.86 -21.47
C ALA A 361 -18.55 -3.63 -21.41
N VAL A 362 -19.39 -3.59 -20.37
CA VAL A 362 -20.35 -2.49 -20.15
C VAL A 362 -20.00 -1.60 -18.93
N LEU A 363 -19.64 -0.34 -19.22
CA LEU A 363 -19.52 0.78 -18.26
C LEU A 363 -19.23 2.08 -19.03
#